data_7LNW
#
_entry.id   7LNW
#
_cell.length_a   49.249
_cell.length_b   92.998
_cell.length_c   52.145
_cell.angle_alpha   90.000
_cell.angle_beta   92.017
_cell.angle_gamma   90.000
#
_symmetry.space_group_name_H-M   'P 1 21 1'
#
loop_
_entity.id
_entity.type
_entity.pdbx_description
1 polymer 'Isopentenyl phosphate kinase'
2 non-polymer "ADENOSINE-5'-DIPHOSPHATE"
3 non-polymer '[(~{Z})-5-[(azanylidene-$l^{4}-azanylidene)amino]-3-methyl-pent-2-enyl] dihydrogen phosphate'
4 water water
#
_entity_poly.entity_id   1
_entity_poly.type   'polypeptide(L)'
_entity_poly.pdbx_seq_one_letter_code
;MGSSHHHHHHSSGLVPRGSHMILIKLGGSVITDKSEYHKFNKETVSRLADEIRRSGQDVMVVHGAGSFGHVIAKKYAIQD
GHVDDGQIPAAARIMCDTRELSSMVVEELLAQGIPAVSVAPGSCFVMEDGKLIVDNEEPIRRLADLGIMPVMFGDVVPDR
KKGFAAVSGDQCMEVLCRMFDPEKVVFVSDIDGLYTADPKTDKKARLIGEVTRKKLDEALTDITVADVTGGVHSKMEAML
RMTDRNRRCYLVNGNAPNRLYSLLKGETVTCTVAKGGME
;
_entity_poly.pdbx_strand_id   A,B
#
loop_
_chem_comp.id
_chem_comp.type
_chem_comp.name
_chem_comp.formula
ADP non-polymer ADENOSINE-5'-DIPHOSPHATE 'C10 H15 N5 O10 P2'
Y77 non-polymer '[(~{Z})-5-[(azanylidene-$l^{4}-azanylidene)amino]-3-methyl-pent-2-enyl] dihydrogen phosphate' 'C6 H13 N3 O4 P'
#
# COMPACT_ATOMS: atom_id res chain seq x y z
N HIS A 20 26.39 5.11 0.68
CA HIS A 20 26.64 4.59 2.02
C HIS A 20 25.35 4.16 2.69
N MET A 21 24.48 3.51 1.92
CA MET A 21 23.15 3.14 2.39
C MET A 21 23.17 1.76 3.04
N ILE A 22 22.40 1.61 4.12
CA ILE A 22 22.26 0.36 4.83
C ILE A 22 20.83 -0.15 4.64
N LEU A 23 20.70 -1.39 4.18
CA LEU A 23 19.40 -2.01 3.97
C LEU A 23 19.05 -2.83 5.22
N ILE A 24 17.89 -2.54 5.81
CA ILE A 24 17.48 -3.13 7.08
C ILE A 24 16.15 -3.83 6.89
N LYS A 25 16.07 -5.08 7.35
CA LYS A 25 14.82 -5.82 7.38
C LYS A 25 14.33 -5.89 8.82
N LEU A 26 13.14 -5.33 9.08
CA LEU A 26 12.49 -5.43 10.38
C LEU A 26 11.58 -6.65 10.33
N GLY A 27 12.11 -7.80 10.75
CA GLY A 27 11.38 -9.04 10.61
C GLY A 27 10.09 -9.04 11.42
N GLY A 28 9.12 -9.83 10.94
CA GLY A 28 7.84 -9.94 11.62
C GLY A 28 7.93 -10.60 12.98
N SER A 29 8.99 -11.36 13.24
CA SER A 29 9.13 -12.02 14.54
C SER A 29 9.45 -11.04 15.65
N VAL A 30 9.91 -9.82 15.32
CA VAL A 30 10.22 -8.83 16.31
C VAL A 30 9.25 -7.64 16.29
N ILE A 31 8.72 -7.28 15.12
CA ILE A 31 7.79 -6.15 15.04
C ILE A 31 6.35 -6.56 15.31
N THR A 32 6.05 -7.86 15.28
CA THR A 32 4.72 -8.36 15.62
C THR A 32 4.87 -9.50 16.62
N ASP A 33 3.76 -9.80 17.30
CA ASP A 33 3.66 -10.99 18.14
C ASP A 33 3.20 -12.13 17.23
N LYS A 34 4.17 -12.91 16.73
CA LYS A 34 3.85 -13.93 15.73
C LYS A 34 2.93 -15.01 16.28
N SER A 35 2.77 -15.10 17.60
CA SER A 35 1.87 -16.08 18.20
C SER A 35 0.45 -15.58 18.37
N GLU A 36 0.19 -14.30 18.10
CA GLU A 36 -1.14 -13.72 18.24
C GLU A 36 -1.45 -12.90 17.01
N TYR A 37 -2.55 -13.24 16.34
CA TYR A 37 -2.90 -12.59 15.08
C TYR A 37 -3.14 -11.10 15.26
N HIS A 38 -2.57 -10.31 14.34
CA HIS A 38 -2.82 -8.87 14.24
C HIS A 38 -2.33 -8.10 15.46
N LYS A 39 -1.26 -8.56 16.09
CA LYS A 39 -0.70 -7.90 17.27
C LYS A 39 0.58 -7.18 16.89
N PHE A 40 0.60 -5.86 17.10
CA PHE A 40 1.75 -5.02 16.78
C PHE A 40 2.57 -4.75 18.04
N ASN A 41 3.89 -4.87 17.92
CA ASN A 41 4.81 -4.54 19.00
C ASN A 41 5.29 -3.11 18.79
N LYS A 42 4.47 -2.16 19.24
CA LYS A 42 4.74 -0.75 18.99
C LYS A 42 6.04 -0.29 19.64
N GLU A 43 6.23 -0.62 20.92
CA GLU A 43 7.39 -0.12 21.64
C GLU A 43 8.69 -0.67 21.08
N THR A 44 8.69 -1.95 20.70
CA THR A 44 9.87 -2.52 20.05
C THR A 44 10.19 -1.77 18.76
N VAL A 45 9.16 -1.50 17.94
CA VAL A 45 9.38 -0.77 16.70
C VAL A 45 9.80 0.67 17.00
N SER A 46 9.21 1.27 18.03
CA SER A 46 9.59 2.63 18.41
C SER A 46 11.05 2.68 18.83
N ARG A 47 11.51 1.68 19.59
CA ARG A 47 12.91 1.63 19.98
C ARG A 47 13.81 1.40 18.76
N LEU A 48 13.43 0.48 17.88
CA LEU A 48 14.26 0.21 16.71
C LEU A 48 14.34 1.43 15.79
N ALA A 49 13.25 2.19 15.68
CA ALA A 49 13.29 3.42 14.90
C ALA A 49 14.17 4.46 15.55
N ASP A 50 14.13 4.57 16.88
CA ASP A 50 15.00 5.50 17.59
C ASP A 50 16.45 5.08 17.49
N GLU A 51 16.72 3.77 17.51
CA GLU A 51 18.08 3.30 17.31
C GLU A 51 18.57 3.61 15.90
N ILE A 52 17.67 3.59 14.92
CA ILE A 52 18.05 3.95 13.55
C ILE A 52 18.34 5.44 13.46
N ARG A 53 17.48 6.27 14.04
CA ARG A 53 17.71 7.71 14.04
C ARG A 53 18.99 8.06 14.77
N ARG A 54 19.23 7.42 15.92
CA ARG A 54 20.42 7.74 16.71
C ARG A 54 21.70 7.31 16.01
N SER A 55 21.63 6.29 15.15
CA SER A 55 22.82 5.83 14.45
C SER A 55 23.31 6.84 13.43
N GLY A 56 22.41 7.68 12.90
CA GLY A 56 22.78 8.66 11.91
C GLY A 56 23.15 8.11 10.57
N GLN A 57 22.67 6.91 10.24
CA GLN A 57 23.03 6.24 8.99
C GLN A 57 21.94 6.44 7.94
N ASP A 58 22.36 6.59 6.69
CA ASP A 58 21.47 6.45 5.55
C ASP A 58 20.95 5.02 5.49
N VAL A 59 19.65 4.82 5.71
CA VAL A 59 19.07 3.49 5.76
C VAL A 59 17.84 3.42 4.86
N MET A 60 17.40 2.19 4.60
CA MET A 60 16.14 1.91 3.93
C MET A 60 15.56 0.67 4.59
N VAL A 61 14.27 0.71 4.92
CA VAL A 61 13.66 -0.27 5.81
C VAL A 61 12.66 -1.12 5.03
N VAL A 62 12.81 -2.44 5.15
CA VAL A 62 11.81 -3.41 4.76
C VAL A 62 11.34 -4.11 6.02
N HIS A 63 10.07 -4.48 6.06
CA HIS A 63 9.56 -5.23 7.21
C HIS A 63 8.75 -6.43 6.76
N GLY A 64 8.69 -7.44 7.61
CA GLY A 64 7.91 -8.62 7.33
C GLY A 64 6.45 -8.45 7.68
N ALA A 65 5.69 -9.52 7.47
CA ALA A 65 4.27 -9.51 7.80
C ALA A 65 4.00 -10.05 9.20
N GLY A 66 4.76 -11.05 9.64
CA GLY A 66 4.54 -11.63 10.95
C GLY A 66 3.16 -12.20 11.08
N SER A 67 2.55 -12.01 12.26
CA SER A 67 1.20 -12.48 12.49
C SER A 67 0.15 -11.65 11.77
N PHE A 68 0.56 -10.59 11.07
CA PHE A 68 -0.34 -9.84 10.20
C PHE A 68 -0.47 -10.46 8.82
N GLY A 69 0.13 -11.63 8.59
CA GLY A 69 0.06 -12.29 7.31
C GLY A 69 0.13 -13.80 7.39
N HIS A 70 0.96 -14.31 8.31
CA HIS A 70 1.22 -15.75 8.35
C HIS A 70 0.02 -16.53 8.88
N VAL A 71 -0.67 -15.98 9.88
CA VAL A 71 -1.77 -16.70 10.52
C VAL A 71 -2.87 -17.01 9.52
N ILE A 72 -3.33 -15.98 8.79
CA ILE A 72 -4.40 -16.20 7.82
C ILE A 72 -3.89 -16.97 6.61
N ALA A 73 -2.62 -16.80 6.24
CA ALA A 73 -2.09 -17.51 5.09
C ALA A 73 -2.05 -19.01 5.33
N LYS A 74 -1.83 -19.44 6.57
CA LYS A 74 -1.76 -20.87 6.86
C LYS A 74 -3.15 -21.49 6.83
N LYS A 75 -4.17 -20.76 7.32
CA LYS A 75 -5.52 -21.30 7.37
C LYS A 75 -6.14 -21.46 5.99
N TYR A 76 -5.64 -20.76 4.99
CA TYR A 76 -6.19 -20.82 3.64
C TYR A 76 -5.16 -21.25 2.60
N ALA A 77 -3.97 -21.68 3.03
CA ALA A 77 -2.94 -22.20 2.13
C ALA A 77 -2.62 -21.21 1.02
N ILE A 78 -2.46 -19.94 1.40
CA ILE A 78 -2.17 -18.90 0.41
C ILE A 78 -0.83 -19.15 -0.27
N GLN A 79 0.12 -19.76 0.45
CA GLN A 79 1.41 -20.09 -0.15
C GLN A 79 1.28 -21.10 -1.28
N ASP A 80 0.17 -21.82 -1.36
CA ASP A 80 -0.05 -22.76 -2.46
C ASP A 80 -0.62 -22.08 -3.69
N GLY A 81 -1.01 -20.81 -3.61
CA GLY A 81 -1.58 -20.11 -4.73
C GLY A 81 -3.08 -20.23 -4.80
N HIS A 82 -3.62 -19.76 -5.91
CA HIS A 82 -5.07 -19.68 -6.13
C HIS A 82 -5.59 -21.07 -6.49
N VAL A 83 -6.18 -21.76 -5.54
CA VAL A 83 -6.71 -23.10 -5.77
C VAL A 83 -8.23 -23.17 -5.63
N ASP A 84 -8.87 -22.22 -4.98
CA ASP A 84 -10.33 -22.19 -4.91
C ASP A 84 -10.79 -20.78 -4.58
N ASP A 85 -12.09 -20.55 -4.81
CA ASP A 85 -12.65 -19.21 -4.64
C ASP A 85 -12.72 -18.79 -3.18
N GLY A 86 -12.69 -19.73 -2.25
CA GLY A 86 -12.69 -19.40 -0.83
C GLY A 86 -11.43 -18.69 -0.36
N GLN A 87 -10.39 -18.64 -1.20
CA GLN A 87 -9.15 -17.98 -0.82
C GLN A 87 -9.19 -16.47 -1.07
N ILE A 88 -9.99 -16.04 -2.04
CA ILE A 88 -9.97 -14.63 -2.45
C ILE A 88 -10.31 -13.70 -1.29
N PRO A 89 -11.38 -13.92 -0.51
CA PRO A 89 -11.61 -13.06 0.66
C PRO A 89 -10.46 -13.12 1.67
N ALA A 90 -9.82 -14.28 1.81
CA ALA A 90 -8.70 -14.39 2.74
C ALA A 90 -7.48 -13.63 2.23
N ALA A 91 -7.25 -13.67 0.91
CA ALA A 91 -6.12 -12.95 0.33
C ALA A 91 -6.27 -11.45 0.52
N ALA A 92 -7.46 -10.93 0.23
CA ALA A 92 -7.72 -9.50 0.47
C ALA A 92 -7.65 -9.16 1.95
N ARG A 93 -8.02 -10.09 2.83
CA ARG A 93 -7.91 -9.85 4.25
C ARG A 93 -6.45 -9.71 4.68
N ILE A 94 -5.57 -10.58 4.15
CA ILE A 94 -4.16 -10.47 4.44
C ILE A 94 -3.59 -9.18 3.84
N MET A 95 -3.97 -8.87 2.60
CA MET A 95 -3.48 -7.66 1.96
C MET A 95 -3.81 -6.43 2.78
N CYS A 96 -5.02 -6.37 3.33
CA CYS A 96 -5.38 -5.25 4.21
C CYS A 96 -4.57 -5.28 5.49
N ASP A 97 -4.30 -6.48 6.03
CA ASP A 97 -3.57 -6.58 7.29
C ASP A 97 -2.12 -6.15 7.13
N THR A 98 -1.49 -6.50 6.01
CA THR A 98 -0.10 -6.08 5.80
C THR A 98 0.00 -4.58 5.55
N ARG A 99 -1.00 -4.00 4.89
CA ARG A 99 -1.00 -2.55 4.68
C ARG A 99 -1.23 -1.81 5.99
N GLU A 100 -2.09 -2.35 6.85
CA GLU A 100 -2.34 -1.71 8.14
C GLU A 100 -1.12 -1.82 9.05
N LEU A 101 -0.46 -2.98 9.05
CA LEU A 101 0.78 -3.12 9.80
C LEU A 101 1.85 -2.17 9.28
N SER A 102 1.91 -2.00 7.96
CA SER A 102 2.91 -1.09 7.38
C SER A 102 2.65 0.35 7.80
N SER A 103 1.38 0.74 7.91
CA SER A 103 1.06 2.08 8.39
C SER A 103 1.58 2.26 9.82
N MET A 104 1.39 1.26 10.68
CA MET A 104 1.89 1.34 12.04
C MET A 104 3.40 1.47 12.06
N VAL A 105 4.10 0.75 11.19
CA VAL A 105 5.55 0.84 11.12
C VAL A 105 5.97 2.24 10.64
N VAL A 106 5.29 2.74 9.60
CA VAL A 106 5.62 4.07 9.08
C VAL A 106 5.37 5.12 10.13
N GLU A 107 4.31 4.96 10.93
CA GLU A 107 3.99 5.95 11.97
C GLU A 107 5.15 6.09 12.95
N GLU A 108 5.80 4.99 13.31
CA GLU A 108 6.96 5.07 14.21
C GLU A 108 8.14 5.72 13.51
N LEU A 109 8.33 5.43 12.22
CA LEU A 109 9.41 6.05 11.47
C LEU A 109 9.21 7.56 11.37
N LEU A 110 7.97 7.99 11.10
CA LEU A 110 7.69 9.43 11.03
C LEU A 110 7.90 10.10 12.38
N ALA A 111 7.58 9.40 13.46
CA ALA A 111 7.75 9.97 14.80
C ALA A 111 9.22 10.25 15.11
N GLN A 112 10.13 9.45 14.56
CA GLN A 112 11.56 9.64 14.77
C GLN A 112 12.22 10.49 13.70
N GLY A 113 11.42 11.23 12.92
CA GLY A 113 11.99 12.09 11.91
C GLY A 113 12.49 11.38 10.67
N ILE A 114 11.98 10.18 10.40
CA ILE A 114 12.39 9.41 9.22
C ILE A 114 11.23 9.37 8.24
N PRO A 115 11.21 10.24 7.22
CA PRO A 115 10.11 10.23 6.25
C PRO A 115 10.09 8.92 5.47
N ALA A 116 8.91 8.29 5.42
CA ALA A 116 8.77 7.00 4.77
C ALA A 116 7.34 6.86 4.25
N VAL A 117 7.18 5.96 3.29
CA VAL A 117 5.89 5.66 2.70
C VAL A 117 5.82 4.16 2.40
N SER A 118 4.64 3.58 2.62
CA SER A 118 4.43 2.16 2.37
C SER A 118 4.28 1.92 0.87
N VAL A 119 5.04 0.96 0.35
CA VAL A 119 4.93 0.53 -1.04
C VAL A 119 4.58 -0.95 -1.00
N ALA A 120 3.30 -1.27 -1.10
CA ALA A 120 2.85 -2.66 -1.02
C ALA A 120 3.18 -3.39 -2.31
N PRO A 121 3.95 -4.48 -2.25
CA PRO A 121 4.30 -5.20 -3.49
C PRO A 121 3.08 -5.76 -4.22
N GLY A 122 2.07 -6.24 -3.49
CA GLY A 122 0.87 -6.75 -4.13
C GLY A 122 0.05 -5.69 -4.84
N SER A 123 0.30 -4.42 -4.55
CA SER A 123 -0.42 -3.32 -5.18
C SER A 123 0.23 -2.82 -6.45
N CYS A 124 1.49 -3.17 -6.71
CA CYS A 124 2.18 -2.64 -7.88
C CYS A 124 3.13 -3.62 -8.56
N PHE A 125 3.35 -4.80 -8.01
CA PHE A 125 4.27 -5.77 -8.60
C PHE A 125 3.56 -7.09 -8.82
N VAL A 126 4.22 -7.96 -9.60
CA VAL A 126 3.75 -9.32 -9.84
C VAL A 126 4.90 -10.28 -9.51
N MET A 127 4.59 -11.57 -9.53
CA MET A 127 5.58 -12.60 -9.27
C MET A 127 5.48 -13.69 -10.33
N GLU A 128 6.63 -14.30 -10.63
CA GLU A 128 6.72 -15.36 -11.62
C GLU A 128 7.81 -16.32 -11.19
N ASP A 129 7.43 -17.58 -10.94
CA ASP A 129 8.37 -18.63 -10.54
C ASP A 129 9.10 -18.25 -9.25
N GLY A 130 8.34 -17.75 -8.27
CA GLY A 130 8.89 -17.42 -6.98
C GLY A 130 9.82 -16.23 -6.94
N LYS A 131 9.82 -15.40 -7.99
CA LYS A 131 10.65 -14.20 -8.03
C LYS A 131 9.74 -12.98 -8.17
N LEU A 132 10.12 -11.90 -7.49
CA LEU A 132 9.36 -10.65 -7.51
C LEU A 132 9.77 -9.84 -8.73
N ILE A 133 8.82 -9.63 -9.65
CA ILE A 133 9.09 -8.92 -10.90
C ILE A 133 8.80 -7.45 -10.69
N VAL A 134 9.80 -6.61 -10.96
CA VAL A 134 9.69 -5.16 -10.83
C VAL A 134 9.92 -4.58 -12.21
N ASP A 135 8.84 -4.48 -13.00
CA ASP A 135 8.97 -3.97 -14.37
C ASP A 135 9.12 -2.45 -14.41
N ASN A 136 8.59 -1.74 -13.42
CA ASN A 136 8.65 -0.28 -13.36
C ASN A 136 9.42 0.12 -12.12
N GLU A 137 10.64 0.63 -12.31
CA GLU A 137 11.49 1.06 -11.21
C GLU A 137 11.34 2.55 -10.89
N GLU A 138 10.70 3.32 -11.77
CA GLU A 138 10.69 4.78 -11.61
C GLU A 138 10.05 5.23 -10.30
N PRO A 139 8.85 4.78 -9.90
CA PRO A 139 8.25 5.33 -8.67
C PRO A 139 9.09 5.09 -7.43
N ILE A 140 9.59 3.87 -7.26
CA ILE A 140 10.40 3.55 -6.08
C ILE A 140 11.66 4.40 -6.06
N ARG A 141 12.27 4.63 -7.22
CA ARG A 141 13.49 5.43 -7.29
C ARG A 141 13.18 6.90 -7.07
N ARG A 142 12.04 7.37 -7.57
CA ARG A 142 11.68 8.78 -7.38
C ARG A 142 11.35 9.08 -5.92
N LEU A 143 10.77 8.10 -5.20
CA LEU A 143 10.48 8.30 -3.79
C LEU A 143 11.76 8.32 -2.96
N ALA A 144 12.72 7.47 -3.30
CA ALA A 144 13.99 7.47 -2.58
C ALA A 144 14.79 8.73 -2.87
N ASP A 145 14.68 9.27 -4.08
CA ASP A 145 15.39 10.51 -4.41
C ASP A 145 14.81 11.70 -3.66
N LEU A 146 13.49 11.73 -3.49
CA LEU A 146 12.86 12.80 -2.72
C LEU A 146 13.17 12.72 -1.23
N GLY A 147 13.70 11.60 -0.75
CA GLY A 147 13.91 11.41 0.67
C GLY A 147 12.75 10.77 1.39
N ILE A 148 11.72 10.34 0.68
CA ILE A 148 10.59 9.63 1.27
C ILE A 148 10.88 8.15 1.10
N MET A 149 11.42 7.54 2.15
CA MET A 149 11.87 6.15 2.15
C MET A 149 10.78 5.19 1.68
N PRO A 150 10.97 4.53 0.53
CA PRO A 150 10.00 3.51 0.10
C PRO A 150 10.14 2.27 0.98
N VAL A 151 9.05 1.90 1.64
CA VAL A 151 9.04 0.80 2.59
C VAL A 151 8.20 -0.32 1.99
N MET A 152 8.87 -1.34 1.46
CA MET A 152 8.20 -2.54 0.99
C MET A 152 8.06 -3.54 2.13
N PHE A 153 7.19 -4.53 1.95
CA PHE A 153 6.93 -5.48 3.02
C PHE A 153 6.34 -6.76 2.46
N GLY A 154 6.39 -7.80 3.28
CA GLY A 154 5.76 -9.07 2.96
C GLY A 154 4.30 -8.90 2.66
N ASP A 155 3.83 -9.53 1.58
CA ASP A 155 2.48 -9.25 1.08
C ASP A 155 2.04 -10.43 0.22
N VAL A 156 0.75 -10.45 -0.07
CA VAL A 156 0.21 -11.30 -1.14
C VAL A 156 0.35 -10.53 -2.44
N VAL A 157 0.84 -11.20 -3.48
CA VAL A 157 1.17 -10.54 -4.74
C VAL A 157 0.55 -11.32 -5.88
N PRO A 158 -0.02 -10.66 -6.90
CA PRO A 158 -0.51 -11.40 -8.07
C PRO A 158 0.61 -12.18 -8.74
N ASP A 159 0.30 -13.42 -9.12
CA ASP A 159 1.28 -14.32 -9.73
C ASP A 159 0.90 -14.56 -11.18
N ARG A 160 1.89 -14.50 -12.07
CA ARG A 160 1.65 -14.69 -13.50
C ARG A 160 1.20 -16.11 -13.82
N LYS A 161 1.53 -17.08 -12.98
CA LYS A 161 1.21 -18.48 -13.23
C LYS A 161 0.22 -19.06 -12.23
N LYS A 162 0.30 -18.68 -10.96
CA LYS A 162 -0.50 -19.29 -9.90
C LYS A 162 -1.61 -18.38 -9.39
N GLY A 163 -1.91 -17.29 -10.12
CA GLY A 163 -2.96 -16.39 -9.71
C GLY A 163 -2.49 -15.37 -8.69
N PHE A 164 -2.17 -15.83 -7.49
CA PHE A 164 -1.49 -14.99 -6.50
C PHE A 164 -0.39 -15.80 -5.85
N ALA A 165 0.54 -15.09 -5.21
CA ALA A 165 1.63 -15.73 -4.49
C ALA A 165 2.02 -14.84 -3.33
N ALA A 166 2.68 -15.45 -2.35
CA ALA A 166 3.16 -14.74 -1.17
C ALA A 166 4.61 -14.31 -1.40
N VAL A 167 4.88 -13.03 -1.19
CA VAL A 167 6.24 -12.50 -1.20
C VAL A 167 6.65 -12.21 0.23
N SER A 168 7.89 -12.51 0.56
CA SER A 168 8.41 -12.31 1.91
C SER A 168 9.27 -11.05 1.96
N GLY A 169 9.58 -10.63 3.18
CA GLY A 169 10.50 -9.51 3.35
C GLY A 169 11.87 -9.81 2.78
N ASP A 170 12.32 -11.07 2.90
CA ASP A 170 13.61 -11.45 2.34
C ASP A 170 13.65 -11.22 0.83
N GLN A 171 12.56 -11.53 0.13
CA GLN A 171 12.53 -11.29 -1.31
C GLN A 171 12.44 -9.81 -1.63
N CYS A 172 11.70 -9.05 -0.81
CA CYS A 172 11.70 -7.60 -0.96
C CYS A 172 13.09 -7.03 -0.76
N MET A 173 13.84 -7.58 0.20
CA MET A 173 15.20 -7.11 0.44
C MET A 173 16.11 -7.40 -0.74
N GLU A 174 15.85 -8.49 -1.47
CA GLU A 174 16.72 -8.85 -2.59
C GLU A 174 16.62 -7.84 -3.72
N VAL A 175 15.40 -7.44 -4.09
CA VAL A 175 15.26 -6.54 -5.23
C VAL A 175 15.74 -5.14 -4.89
N LEU A 176 15.59 -4.71 -3.63
CA LEU A 176 16.14 -3.42 -3.22
C LEU A 176 17.66 -3.47 -3.16
N CYS A 177 18.21 -4.61 -2.76
CA CYS A 177 19.66 -4.81 -2.84
C CYS A 177 20.12 -4.74 -4.29
N ARG A 178 19.39 -5.40 -5.19
CA ARG A 178 19.69 -5.29 -6.62
C ARG A 178 19.57 -3.85 -7.10
N MET A 179 18.57 -3.12 -6.60
CA MET A 179 18.23 -1.81 -7.16
C MET A 179 19.18 -0.73 -6.67
N PHE A 180 19.38 -0.64 -5.36
CA PHE A 180 20.07 0.49 -4.76
C PHE A 180 21.50 0.19 -4.32
N ASP A 181 21.92 -1.08 -4.36
CA ASP A 181 23.29 -1.47 -4.04
C ASP A 181 23.72 -0.93 -2.67
N PRO A 182 23.18 -1.45 -1.58
CA PRO A 182 23.65 -1.01 -0.27
C PRO A 182 25.05 -1.55 0.01
N GLU A 183 25.79 -0.82 0.86
CA GLU A 183 27.09 -1.30 1.31
C GLU A 183 26.99 -2.25 2.49
N LYS A 184 25.84 -2.31 3.15
CA LYS A 184 25.64 -3.17 4.30
C LYS A 184 24.17 -3.57 4.36
N VAL A 185 23.92 -4.83 4.73
CA VAL A 185 22.58 -5.37 4.85
C VAL A 185 22.41 -5.95 6.24
N VAL A 186 21.27 -5.67 6.87
CA VAL A 186 21.01 -6.07 8.25
C VAL A 186 19.67 -6.80 8.31
N PHE A 187 19.67 -7.98 8.92
CA PHE A 187 18.46 -8.74 9.19
C PHE A 187 18.15 -8.67 10.69
N VAL A 188 16.98 -8.13 11.03
CA VAL A 188 16.56 -7.96 12.41
C VAL A 188 15.49 -9.00 12.71
N SER A 189 15.78 -9.90 13.65
CA SER A 189 14.87 -10.98 14.01
C SER A 189 14.86 -11.13 15.53
N ASP A 190 14.09 -12.11 16.00
CA ASP A 190 13.96 -12.38 17.43
C ASP A 190 15.01 -13.36 17.95
N ILE A 191 16.13 -13.52 17.24
CA ILE A 191 17.16 -14.48 17.59
C ILE A 191 18.51 -13.79 17.55
N ASP A 192 19.44 -14.27 18.41
CA ASP A 192 20.79 -13.74 18.41
C ASP A 192 21.48 -13.97 17.07
N GLY A 193 21.06 -14.98 16.34
CA GLY A 193 21.65 -15.29 15.06
C GLY A 193 21.14 -16.64 14.57
N LEU A 194 21.85 -17.18 13.58
CA LEU A 194 21.52 -18.49 13.05
C LEU A 194 22.16 -19.58 13.90
N TYR A 195 21.37 -20.59 14.27
CA TYR A 195 21.83 -21.72 15.05
C TYR A 195 21.81 -22.98 14.20
N THR A 196 22.52 -24.01 14.67
CA THR A 196 22.54 -25.29 13.96
C THR A 196 21.17 -25.95 13.92
N ALA A 197 20.30 -25.63 14.86
CA ALA A 197 18.91 -26.04 14.82
C ALA A 197 18.08 -24.93 15.43
N ASP A 198 16.76 -25.09 15.37
CA ASP A 198 15.86 -24.10 15.95
C ASP A 198 16.16 -23.94 17.44
N PRO A 199 16.61 -22.77 17.90
CA PRO A 199 16.92 -22.61 19.33
C PRO A 199 15.72 -22.76 20.23
N LYS A 200 14.50 -22.56 19.72
CA LYS A 200 13.31 -22.70 20.54
C LYS A 200 12.99 -24.16 20.83
N THR A 201 13.47 -25.09 19.99
CA THR A 201 13.21 -26.52 20.17
C THR A 201 14.48 -27.32 20.41
N ASP A 202 15.60 -26.66 20.71
CA ASP A 202 16.85 -27.36 20.97
C ASP A 202 17.75 -26.45 21.80
N LYS A 203 17.95 -26.81 23.07
CA LYS A 203 18.78 -26.00 23.95
C LYS A 203 20.27 -26.16 23.66
N LYS A 204 20.68 -27.33 23.17
CA LYS A 204 22.09 -27.61 22.93
C LYS A 204 22.56 -27.15 21.55
N ALA A 205 21.76 -26.36 20.86
CA ALA A 205 22.17 -25.83 19.56
C ALA A 205 23.06 -24.61 19.74
N ARG A 206 24.10 -24.53 18.91
CA ARG A 206 25.04 -23.42 18.97
C ARG A 206 24.84 -22.46 17.79
N LEU A 207 25.29 -21.24 17.99
CA LEU A 207 25.19 -20.20 16.97
C LEU A 207 26.31 -20.35 15.95
N ILE A 208 25.99 -20.01 14.70
CA ILE A 208 26.98 -19.96 13.63
C ILE A 208 27.43 -18.52 13.48
N GLY A 209 28.73 -18.30 13.62
CA GLY A 209 29.28 -16.96 13.54
C GLY A 209 29.30 -16.39 12.13
N GLU A 210 29.85 -17.14 11.18
CA GLU A 210 30.00 -16.68 9.81
C GLU A 210 29.31 -17.64 8.85
N VAL A 211 28.71 -17.08 7.80
CA VAL A 211 28.00 -17.85 6.78
C VAL A 211 28.63 -17.58 5.44
N THR A 212 28.99 -18.65 4.73
CA THR A 212 29.56 -18.56 3.39
C THR A 212 28.85 -19.56 2.48
N ARG A 213 29.22 -19.55 1.20
CA ARG A 213 28.67 -20.54 0.27
C ARG A 213 29.14 -21.94 0.63
N LYS A 214 30.35 -22.07 1.18
CA LYS A 214 30.87 -23.38 1.55
C LYS A 214 29.96 -24.05 2.60
N LYS A 215 29.62 -23.31 3.66
CA LYS A 215 28.80 -23.89 4.72
C LYS A 215 27.36 -24.10 4.28
N LEU A 216 26.85 -23.28 3.36
CA LEU A 216 25.51 -23.50 2.84
C LEU A 216 25.39 -24.88 2.21
N ASP A 217 26.41 -25.29 1.45
CA ASP A 217 26.44 -26.66 0.93
C ASP A 217 26.57 -27.67 2.05
N GLU A 218 27.22 -27.29 3.16
CA GLU A 218 27.36 -28.19 4.30
C GLU A 218 26.06 -28.35 5.07
N ALA A 219 25.10 -27.43 4.90
CA ALA A 219 23.80 -27.52 5.55
C ALA A 219 22.74 -28.16 4.68
N LEU A 220 23.08 -28.55 3.45
CA LEU A 220 22.14 -29.19 2.54
C LEU A 220 22.04 -30.67 2.90
N THR A 221 20.92 -31.06 3.50
CA THR A 221 20.65 -32.45 3.86
C THR A 221 19.37 -32.91 3.18
N ASP A 222 19.02 -34.17 3.43
CA ASP A 222 17.75 -34.69 2.94
C ASP A 222 16.57 -34.03 3.66
N ILE A 223 16.73 -33.78 4.96
CA ILE A 223 15.71 -33.05 5.71
C ILE A 223 15.54 -31.64 5.15
N THR A 224 16.65 -30.97 4.84
CA THR A 224 16.58 -29.67 4.19
C THR A 224 15.79 -29.74 2.89
N VAL A 225 16.06 -30.75 2.07
CA VAL A 225 15.34 -30.93 0.82
C VAL A 225 13.85 -31.13 1.09
N ALA A 226 13.52 -32.01 2.05
CA ALA A 226 12.13 -32.33 2.33
C ALA A 226 11.38 -31.20 3.05
N ASP A 227 12.09 -30.18 3.53
CA ASP A 227 11.44 -29.08 4.22
C ASP A 227 10.60 -28.24 3.26
N GLY A 231 14.74 -24.87 5.97
CA GLY A 231 15.15 -24.76 7.36
C GLY A 231 16.31 -23.81 7.56
N VAL A 232 17.38 -24.30 8.20
CA VAL A 232 18.55 -23.46 8.42
C VAL A 232 19.25 -23.16 7.09
N HIS A 233 19.11 -24.04 6.11
CA HIS A 233 19.75 -23.83 4.82
C HIS A 233 19.12 -22.66 4.07
N SER A 234 17.79 -22.55 4.13
CA SER A 234 17.12 -21.44 3.44
C SER A 234 17.41 -20.11 4.11
N LYS A 235 17.53 -20.09 5.44
CA LYS A 235 17.90 -18.86 6.13
C LYS A 235 19.32 -18.42 5.77
N MET A 236 20.24 -19.38 5.67
CA MET A 236 21.58 -19.05 5.20
C MET A 236 21.56 -18.52 3.78
N GLU A 237 20.77 -19.16 2.90
CA GLU A 237 20.67 -18.69 1.52
C GLU A 237 20.07 -17.29 1.46
N ALA A 238 19.13 -16.98 2.36
CA ALA A 238 18.53 -15.64 2.37
C ALA A 238 19.57 -14.57 2.64
N MET A 239 20.46 -14.81 3.61
CA MET A 239 21.49 -13.83 3.91
C MET A 239 22.55 -13.78 2.81
N LEU A 240 22.93 -14.95 2.28
CA LEU A 240 23.99 -14.99 1.28
C LEU A 240 23.61 -14.28 -0.01
N ARG A 241 22.32 -14.27 -0.34
CA ARG A 241 21.87 -13.56 -1.53
C ARG A 241 21.98 -12.06 -1.37
N MET A 242 22.08 -11.57 -0.13
CA MET A 242 22.28 -10.15 0.12
C MET A 242 23.75 -9.75 0.00
N THR A 243 24.66 -10.69 -0.13
CA THR A 243 26.09 -10.43 -0.08
C THR A 243 26.73 -10.58 -1.45
N ASP A 244 27.90 -9.96 -1.59
CA ASP A 244 28.71 -10.15 -2.79
C ASP A 244 30.19 -10.23 -2.43
N ARG A 245 31.05 -9.66 -3.30
CA ARG A 245 32.49 -9.74 -3.08
C ARG A 245 32.91 -9.06 -1.79
N ASN A 246 32.22 -8.00 -1.39
CA ASN A 246 32.62 -7.28 -0.18
C ASN A 246 31.47 -6.71 0.63
N ARG A 247 30.22 -6.81 0.17
CA ARG A 247 29.08 -6.38 0.96
C ARG A 247 28.63 -7.55 1.84
N ARG A 248 28.47 -7.29 3.13
CA ARG A 248 28.15 -8.32 4.10
C ARG A 248 26.71 -8.17 4.58
N CYS A 249 26.15 -9.28 5.05
CA CYS A 249 24.83 -9.32 5.64
C CYS A 249 24.94 -9.72 7.10
N TYR A 250 24.17 -9.06 7.95
CA TYR A 250 24.20 -9.29 9.39
C TYR A 250 22.81 -9.64 9.89
N LEU A 251 22.72 -10.68 10.71
CA LEU A 251 21.49 -11.05 11.39
C LEU A 251 21.65 -10.73 12.87
N VAL A 252 20.79 -9.84 13.38
CA VAL A 252 20.91 -9.31 14.72
C VAL A 252 19.59 -9.48 15.46
N ASN A 253 19.67 -9.55 16.78
CA ASN A 253 18.48 -9.71 17.63
C ASN A 253 17.90 -8.33 17.91
N GLY A 254 16.68 -8.08 17.42
CA GLY A 254 16.03 -6.80 17.65
C GLY A 254 15.49 -6.64 19.05
N ASN A 255 15.37 -7.75 19.80
CA ASN A 255 14.92 -7.69 21.18
C ASN A 255 16.04 -7.34 22.15
N ALA A 256 17.28 -7.22 21.67
CA ALA A 256 18.39 -6.78 22.50
C ALA A 256 18.55 -5.27 22.36
N PRO A 257 18.27 -4.49 23.40
CA PRO A 257 18.30 -3.03 23.26
C PRO A 257 19.67 -2.52 22.87
N ASN A 258 19.69 -1.61 21.89
CA ASN A 258 20.87 -0.91 21.38
C ASN A 258 21.81 -1.79 20.57
N ARG A 259 21.50 -3.09 20.39
CA ARG A 259 22.36 -3.92 19.56
C ARG A 259 22.27 -3.52 18.10
N LEU A 260 21.06 -3.24 17.61
CA LEU A 260 20.91 -2.71 16.25
C LEU A 260 21.61 -1.36 16.12
N TYR A 261 21.54 -0.54 17.17
CA TYR A 261 22.21 0.76 17.14
C TYR A 261 23.72 0.59 17.02
N SER A 262 24.30 -0.30 17.84
CA SER A 262 25.75 -0.47 17.82
C SER A 262 26.22 -1.05 16.49
N LEU A 263 25.44 -1.96 15.91
CA LEU A 263 25.80 -2.52 14.61
C LEU A 263 25.75 -1.45 13.52
N LEU A 264 24.75 -0.57 13.56
CA LEU A 264 24.65 0.48 12.55
C LEU A 264 25.77 1.50 12.70
N LYS A 265 26.30 1.68 13.91
CA LYS A 265 27.43 2.58 14.13
C LYS A 265 28.74 2.01 13.63
N GLY A 266 28.79 0.70 13.35
CA GLY A 266 30.02 0.05 12.94
C GLY A 266 30.72 -0.74 14.02
N GLU A 267 30.14 -0.81 15.22
CA GLU A 267 30.73 -1.57 16.29
C GLU A 267 30.41 -3.05 16.14
N THR A 268 31.12 -3.88 16.91
CA THR A 268 30.91 -5.32 16.89
C THR A 268 29.83 -5.71 17.89
N VAL A 269 28.93 -6.59 17.47
CA VAL A 269 27.86 -7.08 18.31
C VAL A 269 27.68 -8.58 18.06
N THR A 270 26.98 -9.23 18.99
CA THR A 270 26.60 -10.62 18.78
C THR A 270 25.64 -10.70 17.60
N CYS A 271 25.99 -11.53 16.62
CA CYS A 271 25.25 -11.59 15.37
C CYS A 271 25.76 -12.78 14.54
N THR A 272 25.09 -13.01 13.43
CA THR A 272 25.57 -13.90 12.37
C THR A 272 25.93 -13.04 11.16
N VAL A 273 27.07 -13.33 10.55
CA VAL A 273 27.58 -12.56 9.41
C VAL A 273 27.58 -13.46 8.18
N ALA A 274 27.02 -12.95 7.09
CA ALA A 274 27.12 -13.59 5.78
C ALA A 274 28.14 -12.86 4.94
N LYS A 275 28.78 -13.59 4.03
CA LYS A 275 29.97 -13.07 3.36
C LYS A 275 30.21 -13.82 2.06
N GLY A 276 30.80 -13.12 1.10
CA GLY A 276 31.30 -13.73 -0.11
C GLY A 276 30.30 -13.93 -1.23
N GLY A 277 29.01 -13.91 -0.93
CA GLY A 277 28.01 -14.14 -1.95
C GLY A 277 27.92 -15.61 -2.35
N MET A 278 27.18 -15.84 -3.44
CA MET A 278 27.00 -17.18 -3.97
C MET A 278 26.59 -17.14 -5.44
N SER B 19 -19.86 -6.43 -19.39
CA SER B 19 -19.50 -5.03 -19.62
C SER B 19 -20.45 -4.10 -18.87
N HIS B 20 -20.86 -4.49 -17.66
CA HIS B 20 -21.83 -3.75 -16.88
C HIS B 20 -21.25 -3.31 -15.54
N MET B 21 -19.96 -3.02 -15.50
CA MET B 21 -19.31 -2.55 -14.28
C MET B 21 -19.63 -1.08 -14.05
N ILE B 22 -19.79 -0.71 -12.77
CA ILE B 22 -20.06 0.66 -12.39
C ILE B 22 -18.88 1.18 -11.58
N LEU B 23 -18.27 2.26 -12.05
CA LEU B 23 -17.14 2.88 -11.38
C LEU B 23 -17.65 3.93 -10.40
N ILE B 24 -17.34 3.76 -9.11
CA ILE B 24 -17.91 4.57 -8.04
C ILE B 24 -16.80 5.33 -7.33
N LYS B 25 -17.02 6.62 -7.07
CA LYS B 25 -16.13 7.43 -6.26
C LYS B 25 -16.83 7.78 -4.95
N LEU B 26 -16.26 7.32 -3.84
CA LEU B 26 -16.69 7.74 -2.51
C LEU B 26 -15.91 9.01 -2.16
N GLY B 27 -16.51 10.16 -2.47
CA GLY B 27 -15.82 11.42 -2.28
C GLY B 27 -15.47 11.66 -0.82
N GLY B 28 -14.43 12.48 -0.64
CA GLY B 28 -14.00 12.83 0.71
C GLY B 28 -15.05 13.56 1.52
N SER B 29 -16.06 14.13 0.86
CA SER B 29 -17.10 14.86 1.57
C SER B 29 -18.01 13.94 2.39
N VAL B 30 -18.13 12.68 2.02
CA VAL B 30 -19.00 11.75 2.72
C VAL B 30 -18.21 10.77 3.59
N ILE B 31 -17.03 10.35 3.17
CA ILE B 31 -16.27 9.37 3.95
C ILE B 31 -15.49 10.01 5.08
N THR B 32 -15.17 11.30 4.97
CA THR B 32 -14.51 12.04 6.05
C THR B 32 -15.28 13.33 6.30
N ASP B 33 -15.08 13.89 7.49
CA ASP B 33 -15.57 15.22 7.81
C ASP B 33 -14.48 16.21 7.42
N LYS B 34 -14.67 16.90 6.31
CA LYS B 34 -13.64 17.79 5.76
C LYS B 34 -13.32 18.97 6.68
N SER B 35 -14.13 19.22 7.70
CA SER B 35 -13.86 20.27 8.67
C SER B 35 -13.08 19.78 9.88
N GLU B 36 -12.72 18.50 9.91
CA GLU B 36 -12.13 17.88 11.09
C GLU B 36 -11.00 16.97 10.62
N TYR B 37 -9.76 17.34 10.93
CA TYR B 37 -8.61 16.62 10.40
C TYR B 37 -8.61 15.17 10.87
N HIS B 38 -8.44 14.26 9.91
CA HIS B 38 -8.22 12.84 10.19
C HIS B 38 -9.42 12.21 10.89
N LYS B 39 -10.63 12.60 10.47
CA LYS B 39 -11.87 12.08 11.03
C LYS B 39 -12.58 11.23 9.98
N PHE B 40 -12.81 9.97 10.31
CA PHE B 40 -13.42 9.01 9.40
C PHE B 40 -14.90 8.86 9.72
N ASN B 41 -15.74 8.95 8.69
CA ASN B 41 -17.19 8.76 8.85
C ASN B 41 -17.51 7.27 8.71
N LYS B 42 -17.19 6.53 9.77
CA LYS B 42 -17.33 5.08 9.74
C LYS B 42 -18.77 4.66 9.47
N GLU B 43 -19.74 5.38 10.01
CA GLU B 43 -21.14 5.01 9.83
C GLU B 43 -21.57 5.18 8.37
N THR B 44 -21.18 6.28 7.74
CA THR B 44 -21.59 6.52 6.36
C THR B 44 -20.92 5.53 5.40
N VAL B 45 -19.63 5.26 5.61
CA VAL B 45 -18.92 4.33 4.73
C VAL B 45 -19.44 2.92 4.90
N SER B 46 -19.78 2.53 6.13
CA SER B 46 -20.33 1.20 6.36
C SER B 46 -21.67 1.03 5.66
N ARG B 47 -22.51 2.07 5.69
CA ARG B 47 -23.80 2.02 5.00
C ARG B 47 -23.59 2.01 3.49
N LEU B 48 -22.70 2.84 2.98
CA LEU B 48 -22.45 2.89 1.54
C LEU B 48 -21.94 1.55 1.03
N ALA B 49 -21.05 0.89 1.79
CA ALA B 49 -20.56 -0.41 1.38
C ALA B 49 -21.68 -1.45 1.39
N ASP B 50 -22.56 -1.40 2.39
CA ASP B 50 -23.71 -2.30 2.41
C ASP B 50 -24.65 -2.02 1.24
N GLU B 51 -24.87 -0.74 0.92
CA GLU B 51 -25.68 -0.40 -0.25
C GLU B 51 -25.03 -0.93 -1.52
N ILE B 52 -23.71 -0.89 -1.59
CA ILE B 52 -23.01 -1.39 -2.78
C ILE B 52 -23.19 -2.89 -2.92
N ARG B 53 -23.16 -3.63 -1.81
CA ARG B 53 -23.27 -5.08 -1.90
C ARG B 53 -24.68 -5.52 -2.25
N ARG B 54 -25.68 -4.92 -1.59
CA ARG B 54 -27.06 -5.33 -1.82
C ARG B 54 -27.52 -5.09 -3.26
N SER B 55 -26.90 -4.15 -3.96
CA SER B 55 -27.25 -3.90 -5.34
C SER B 55 -26.86 -5.03 -6.27
N GLY B 56 -25.95 -5.90 -5.83
CA GLY B 56 -25.54 -7.03 -6.65
C GLY B 56 -24.79 -6.66 -7.91
N GLN B 57 -24.28 -5.44 -8.00
CA GLN B 57 -23.59 -4.97 -9.20
C GLN B 57 -22.09 -5.19 -9.09
N ASP B 58 -21.46 -5.37 -10.24
CA ASP B 58 -20.00 -5.39 -10.31
C ASP B 58 -19.50 -3.94 -10.33
N VAL B 59 -18.67 -3.59 -9.35
CA VAL B 59 -18.24 -2.21 -9.16
C VAL B 59 -16.74 -2.16 -8.91
N MET B 60 -16.21 -0.95 -8.99
CA MET B 60 -14.87 -0.59 -8.55
C MET B 60 -14.96 0.71 -7.77
N VAL B 61 -14.21 0.79 -6.66
CA VAL B 61 -14.35 1.89 -5.71
C VAL B 61 -13.08 2.73 -5.73
N VAL B 62 -13.25 4.03 -5.96
CA VAL B 62 -12.23 5.04 -5.72
C VAL B 62 -12.77 5.95 -4.62
N HIS B 63 -11.86 6.46 -3.78
CA HIS B 63 -12.28 7.40 -2.76
C HIS B 63 -11.33 8.58 -2.74
N GLY B 64 -11.83 9.71 -2.23
CA GLY B 64 -11.01 10.89 -2.07
C GLY B 64 -10.15 10.81 -0.82
N ALA B 65 -9.30 11.82 -0.68
CA ALA B 65 -8.48 11.94 0.52
C ALA B 65 -9.20 12.66 1.65
N GLY B 66 -10.05 13.63 1.33
CA GLY B 66 -10.78 14.37 2.33
C GLY B 66 -9.85 15.10 3.29
N SER B 67 -10.30 15.20 4.55
CA SER B 67 -9.50 15.82 5.59
C SER B 67 -8.25 15.02 5.93
N PHE B 68 -8.09 13.83 5.37
CA PHE B 68 -6.87 13.04 5.55
C PHE B 68 -5.76 13.48 4.60
N GLY B 69 -5.88 14.63 3.96
CA GLY B 69 -4.87 15.09 3.03
C GLY B 69 -4.95 16.56 2.68
N HIS B 70 -6.17 17.07 2.48
CA HIS B 70 -6.32 18.45 2.02
C HIS B 70 -5.80 19.46 3.03
N VAL B 71 -5.86 19.14 4.32
CA VAL B 71 -5.43 20.09 5.34
C VAL B 71 -3.92 20.32 5.25
N ILE B 72 -3.14 19.24 5.36
CA ILE B 72 -1.69 19.36 5.31
C ILE B 72 -1.18 19.73 3.93
N ALA B 73 -1.97 19.44 2.89
CA ALA B 73 -1.55 19.71 1.52
C ALA B 73 -1.27 21.19 1.30
N LYS B 74 -2.30 22.03 1.42
CA LYS B 74 -2.14 23.45 1.17
C LYS B 74 -1.39 24.17 2.29
N LYS B 75 -1.33 23.57 3.48
CA LYS B 75 -0.46 24.12 4.53
C LYS B 75 0.99 24.10 4.10
N TYR B 76 1.36 23.15 3.23
CA TYR B 76 2.70 23.08 2.67
C TYR B 76 2.70 23.22 1.16
N ALA B 77 1.55 23.54 0.55
CA ALA B 77 1.43 23.75 -0.89
C ALA B 77 2.02 22.59 -1.68
N ILE B 78 1.66 21.37 -1.27
CA ILE B 78 2.22 20.17 -1.88
C ILE B 78 1.83 20.06 -3.35
N GLN B 79 0.63 20.51 -3.70
CA GLN B 79 0.17 20.41 -5.09
C GLN B 79 0.98 21.27 -6.04
N ASP B 80 1.85 22.14 -5.54
CA ASP B 80 2.64 23.02 -6.38
C ASP B 80 4.07 22.51 -6.61
N GLY B 81 4.43 21.36 -6.07
CA GLY B 81 5.70 20.74 -6.36
C GLY B 81 6.71 20.90 -5.23
N HIS B 82 7.83 20.18 -5.39
CA HIS B 82 8.88 20.14 -4.39
C HIS B 82 9.77 21.38 -4.51
N VAL B 83 9.66 22.28 -3.55
CA VAL B 83 10.47 23.49 -3.53
C VAL B 83 11.36 23.60 -2.31
N ASP B 84 11.06 22.89 -1.22
CA ASP B 84 11.82 23.01 0.01
C ASP B 84 11.87 21.64 0.69
N ASP B 85 12.98 21.38 1.37
CA ASP B 85 13.15 20.10 2.07
C ASP B 85 12.20 19.95 3.25
N GLY B 86 11.63 21.05 3.75
CA GLY B 86 10.64 20.96 4.82
C GLY B 86 9.34 20.31 4.40
N GLN B 87 9.09 20.19 3.10
CA GLN B 87 7.88 19.56 2.60
C GLN B 87 7.96 18.03 2.60
N ILE B 88 9.16 17.46 2.76
CA ILE B 88 9.34 16.02 2.69
C ILE B 88 8.63 15.33 3.85
N PRO B 89 8.83 15.73 5.11
CA PRO B 89 8.06 15.11 6.19
C PRO B 89 6.57 15.35 6.06
N ALA B 90 6.17 16.50 5.51
CA ALA B 90 4.75 16.77 5.30
C ALA B 90 4.17 15.83 4.26
N ALA B 91 4.89 15.60 3.16
CA ALA B 91 4.41 14.69 2.13
C ALA B 91 4.25 13.27 2.67
N ALA B 92 5.25 12.81 3.45
CA ALA B 92 5.17 11.47 4.04
C ALA B 92 3.99 11.35 4.98
N ARG B 93 3.73 12.40 5.78
CA ARG B 93 2.59 12.37 6.70
C ARG B 93 1.27 12.32 5.94
N ILE B 94 1.16 13.09 4.84
CA ILE B 94 -0.05 13.04 4.03
C ILE B 94 -0.22 11.65 3.43
N MET B 95 0.86 11.11 2.86
CA MET B 95 0.79 9.78 2.25
C MET B 95 0.45 8.71 3.27
N CYS B 96 0.94 8.86 4.50
CA CYS B 96 0.59 7.90 5.55
C CYS B 96 -0.87 8.00 5.92
N ASP B 97 -1.45 9.21 5.87
CA ASP B 97 -2.85 9.38 6.25
C ASP B 97 -3.79 8.85 5.19
N THR B 98 -3.50 9.12 3.90
CA THR B 98 -4.37 8.60 2.85
C THR B 98 -4.33 7.09 2.80
N ARG B 99 -3.17 6.49 3.07
CA ARG B 99 -3.10 5.03 3.13
C ARG B 99 -3.87 4.49 4.33
N GLU B 100 -3.82 5.22 5.46
CA GLU B 100 -4.59 4.78 6.63
C GLU B 100 -6.09 4.93 6.39
N LEU B 101 -6.50 6.01 5.72
CA LEU B 101 -7.90 6.18 5.38
C LEU B 101 -8.36 5.06 4.44
N SER B 102 -7.52 4.70 3.47
CA SER B 102 -7.89 3.64 2.52
C SER B 102 -8.12 2.32 3.24
N SER B 103 -7.33 2.05 4.29
CA SER B 103 -7.54 0.84 5.08
C SER B 103 -8.93 0.83 5.69
N MET B 104 -9.34 1.96 6.30
CA MET B 104 -10.67 2.03 6.90
C MET B 104 -11.76 1.82 5.87
N VAL B 105 -11.57 2.37 4.66
CA VAL B 105 -12.52 2.14 3.58
C VAL B 105 -12.51 0.67 3.18
N VAL B 106 -11.32 0.09 3.03
CA VAL B 106 -11.22 -1.31 2.63
C VAL B 106 -11.81 -2.22 3.70
N GLU B 107 -11.61 -1.88 4.97
CA GLU B 107 -12.20 -2.66 6.06
C GLU B 107 -13.72 -2.73 5.91
N GLU B 108 -14.35 -1.63 5.52
CA GLU B 108 -15.81 -1.65 5.36
C GLU B 108 -16.22 -2.47 4.14
N LEU B 109 -15.43 -2.43 3.07
CA LEU B 109 -15.72 -3.25 1.91
C LEU B 109 -15.57 -4.73 2.24
N LEU B 110 -14.50 -5.09 2.96
CA LEU B 110 -14.29 -6.49 3.32
C LEU B 110 -15.38 -7.00 4.26
N ALA B 111 -15.85 -6.14 5.17
CA ALA B 111 -16.89 -6.54 6.11
C ALA B 111 -18.20 -6.85 5.40
N GLN B 112 -18.45 -6.23 4.26
CA GLN B 112 -19.66 -6.50 3.48
C GLN B 112 -19.49 -7.67 2.53
N GLY B 113 -18.29 -8.23 2.41
CA GLY B 113 -18.06 -9.31 1.48
C GLY B 113 -17.55 -8.88 0.13
N ILE B 114 -16.99 -7.68 0.01
CA ILE B 114 -16.41 -7.19 -1.22
C ILE B 114 -14.90 -7.23 -1.10
N PRO B 115 -14.22 -8.22 -1.68
CA PRO B 115 -12.76 -8.25 -1.63
C PRO B 115 -12.17 -7.04 -2.32
N ALA B 116 -11.27 -6.36 -1.62
CA ALA B 116 -10.66 -5.14 -2.14
C ALA B 116 -9.29 -4.96 -1.53
N VAL B 117 -8.44 -4.20 -2.23
CA VAL B 117 -7.11 -3.90 -1.77
C VAL B 117 -6.77 -2.46 -2.15
N SER B 118 -6.14 -1.75 -1.23
CA SER B 118 -5.73 -0.37 -1.49
C SER B 118 -4.57 -0.35 -2.48
N VAL B 119 -4.70 0.48 -3.51
CA VAL B 119 -3.63 0.70 -4.49
C VAL B 119 -3.29 2.19 -4.42
N ALA B 120 -2.28 2.54 -3.65
CA ALA B 120 -1.91 3.93 -3.47
C ALA B 120 -1.20 4.46 -4.71
N PRO B 121 -1.72 5.50 -5.35
CA PRO B 121 -1.04 6.02 -6.56
C PRO B 121 0.35 6.54 -6.29
N GLY B 122 0.60 7.12 -5.11
CA GLY B 122 1.93 7.60 -4.79
C GLY B 122 2.97 6.52 -4.65
N SER B 123 2.56 5.28 -4.42
CA SER B 123 3.48 4.16 -4.30
C SER B 123 3.60 3.37 -5.59
N CYS B 124 2.79 3.65 -6.61
CA CYS B 124 2.74 2.85 -7.82
C CYS B 124 3.01 3.63 -9.10
N PHE B 125 2.60 4.89 -9.18
CA PHE B 125 2.60 5.64 -10.43
C PHE B 125 3.39 6.93 -10.27
N VAL B 126 3.50 7.67 -11.37
CA VAL B 126 4.14 8.97 -11.41
C VAL B 126 3.19 9.96 -12.07
N MET B 127 3.57 11.23 -12.04
CA MET B 127 2.77 12.30 -12.64
C MET B 127 3.65 13.18 -13.51
N GLU B 128 3.05 13.73 -14.56
CA GLU B 128 3.75 14.64 -15.46
C GLU B 128 2.74 15.65 -15.99
N ASP B 129 2.90 16.91 -15.63
CA ASP B 129 2.05 18.00 -16.10
C ASP B 129 0.58 17.73 -15.80
N GLY B 130 0.30 17.48 -14.52
CA GLY B 130 -1.06 17.27 -14.08
C GLY B 130 -1.72 16.00 -14.55
N LYS B 131 -0.98 15.10 -15.19
CA LYS B 131 -1.52 13.85 -15.70
C LYS B 131 -1.00 12.69 -14.86
N LEU B 132 -1.91 11.83 -14.42
CA LEU B 132 -1.52 10.59 -13.75
C LEU B 132 -1.05 9.60 -14.80
N ILE B 133 0.19 9.12 -14.65
CA ILE B 133 0.81 8.22 -15.62
C ILE B 133 0.81 6.82 -15.03
N VAL B 134 0.15 5.90 -15.71
CA VAL B 134 0.10 4.49 -15.31
C VAL B 134 0.79 3.70 -16.43
N ASP B 135 2.10 3.51 -16.30
CA ASP B 135 2.86 2.82 -17.32
C ASP B 135 2.64 1.31 -17.26
N ASN B 136 2.55 0.76 -16.06
CA ASN B 136 2.36 -0.68 -15.86
C ASN B 136 0.94 -0.92 -15.36
N GLU B 137 0.10 -1.48 -16.22
CA GLU B 137 -1.29 -1.79 -15.89
C GLU B 137 -1.48 -3.22 -15.39
N GLU B 138 -0.45 -4.05 -15.44
CA GLU B 138 -0.61 -5.47 -15.11
C GLU B 138 -1.11 -5.71 -13.69
N PRO B 139 -0.54 -5.10 -12.64
CA PRO B 139 -1.03 -5.42 -11.29
C PRO B 139 -2.50 -5.07 -11.08
N ILE B 140 -2.95 -3.91 -11.54
CA ILE B 140 -4.35 -3.53 -11.37
C ILE B 140 -5.26 -4.49 -12.12
N ARG B 141 -4.87 -4.85 -13.35
CA ARG B 141 -5.68 -5.78 -14.14
C ARG B 141 -5.71 -7.16 -13.52
N ARG B 142 -4.58 -7.61 -12.97
CA ARG B 142 -4.53 -8.94 -12.37
C ARG B 142 -5.32 -8.98 -11.07
N LEU B 143 -5.28 -7.90 -10.30
CA LEU B 143 -6.11 -7.84 -9.09
C LEU B 143 -7.59 -7.88 -9.44
N ALA B 144 -7.99 -7.16 -10.49
CA ALA B 144 -9.38 -7.16 -10.91
C ALA B 144 -9.82 -8.56 -11.36
N ASP B 145 -9.00 -9.21 -12.19
CA ASP B 145 -9.35 -10.55 -12.67
C ASP B 145 -9.44 -11.54 -11.53
N LEU B 146 -8.66 -11.35 -10.46
CA LEU B 146 -8.74 -12.21 -9.29
C LEU B 146 -10.00 -11.97 -8.47
N GLY B 147 -10.73 -10.90 -8.73
CA GLY B 147 -11.86 -10.52 -7.90
C GLY B 147 -11.51 -9.65 -6.72
N ILE B 148 -10.25 -9.21 -6.60
CA ILE B 148 -9.82 -8.32 -5.54
C ILE B 148 -9.82 -6.91 -6.12
N MET B 149 -10.83 -6.14 -5.77
CA MET B 149 -11.03 -4.82 -6.35
C MET B 149 -9.86 -3.89 -6.00
N PRO B 150 -9.16 -3.34 -6.99
CA PRO B 150 -8.09 -2.37 -6.69
C PRO B 150 -8.69 -1.01 -6.36
N VAL B 151 -8.39 -0.51 -5.17
CA VAL B 151 -8.97 0.74 -4.68
C VAL B 151 -7.88 1.80 -4.73
N MET B 152 -8.00 2.72 -5.67
CA MET B 152 -7.14 3.88 -5.75
C MET B 152 -7.79 5.07 -5.05
N PHE B 153 -6.99 6.09 -4.77
CA PHE B 153 -7.48 7.23 -4.00
C PHE B 153 -6.56 8.43 -4.19
N GLY B 154 -7.04 9.58 -3.77
CA GLY B 154 -6.20 10.77 -3.80
C GLY B 154 -4.94 10.57 -2.96
N ASP B 155 -3.82 11.03 -3.49
CA ASP B 155 -2.53 10.76 -2.87
C ASP B 155 -1.54 11.83 -3.32
N VAL B 156 -0.39 11.85 -2.66
CA VAL B 156 0.78 12.57 -3.16
C VAL B 156 1.55 11.63 -4.08
N VAL B 157 1.87 12.10 -5.27
CA VAL B 157 2.46 11.24 -6.30
C VAL B 157 3.79 11.83 -6.76
N PRO B 158 4.82 11.00 -6.97
CA PRO B 158 6.05 11.51 -7.58
C PRO B 158 5.77 12.15 -8.93
N ASP B 159 6.38 13.30 -9.17
CA ASP B 159 6.21 14.05 -10.40
C ASP B 159 7.53 14.10 -11.16
N ARG B 160 7.44 14.00 -12.49
CA ARG B 160 8.64 13.99 -13.32
C ARG B 160 9.25 15.37 -13.50
N LYS B 161 8.56 16.43 -13.09
CA LYS B 161 9.06 17.78 -13.30
C LYS B 161 9.07 18.61 -12.02
N LYS B 162 8.11 18.36 -11.13
CA LYS B 162 7.95 19.14 -9.91
C LYS B 162 8.43 18.39 -8.67
N GLY B 163 9.07 17.24 -8.83
CA GLY B 163 9.43 16.42 -7.68
C GLY B 163 8.28 15.55 -7.25
N PHE B 164 7.24 16.18 -6.70
CA PHE B 164 6.00 15.50 -6.37
C PHE B 164 4.82 16.37 -6.76
N ALA B 165 3.63 15.80 -6.72
CA ALA B 165 2.41 16.51 -7.04
C ALA B 165 1.24 15.80 -6.34
N ALA B 166 0.03 16.26 -6.62
CA ALA B 166 -1.19 15.69 -6.05
C ALA B 166 -2.07 15.15 -7.15
N VAL B 167 -2.57 13.93 -6.97
CA VAL B 167 -3.55 13.33 -7.87
C VAL B 167 -4.89 13.35 -7.14
N SER B 168 -5.95 13.61 -7.89
CA SER B 168 -7.28 13.63 -7.31
C SER B 168 -7.94 12.26 -7.45
N GLY B 169 -9.05 12.08 -6.73
CA GLY B 169 -9.87 10.90 -6.95
C GLY B 169 -10.44 10.86 -8.35
N ASP B 170 -10.74 12.02 -8.93
CA ASP B 170 -11.28 12.06 -10.29
C ASP B 170 -10.27 11.56 -11.31
N GLN B 171 -9.00 11.92 -11.13
CA GLN B 171 -7.97 11.46 -12.07
C GLN B 171 -7.76 9.97 -11.97
N CYS B 172 -7.82 9.41 -10.76
CA CYS B 172 -7.73 7.97 -10.60
C CYS B 172 -8.87 7.27 -11.32
N MET B 173 -10.07 7.86 -11.27
CA MET B 173 -11.20 7.27 -11.97
C MET B 173 -11.04 7.36 -13.48
N GLU B 174 -10.47 8.46 -13.98
CA GLU B 174 -10.28 8.61 -15.41
C GLU B 174 -9.42 7.47 -15.97
N VAL B 175 -8.41 7.06 -15.20
CA VAL B 175 -7.54 5.96 -15.65
C VAL B 175 -8.31 4.65 -15.64
N LEU B 176 -9.03 4.38 -14.54
CA LEU B 176 -9.82 3.15 -14.48
C LEU B 176 -10.96 3.16 -15.49
N CYS B 177 -11.55 4.35 -15.74
CA CYS B 177 -12.52 4.47 -16.81
C CYS B 177 -11.92 4.10 -18.15
N ARG B 178 -10.64 4.39 -18.35
CA ARG B 178 -9.96 4.03 -19.60
C ARG B 178 -9.68 2.53 -19.67
N MET B 179 -9.22 1.95 -18.55
CA MET B 179 -8.74 0.57 -18.60
C MET B 179 -9.87 -0.44 -18.65
N PHE B 180 -11.02 -0.16 -18.02
CA PHE B 180 -12.05 -1.17 -17.84
C PHE B 180 -13.39 -0.82 -18.49
N ASP B 181 -13.55 0.38 -19.05
CA ASP B 181 -14.75 0.78 -19.79
C ASP B 181 -16.02 0.48 -19.00
N PRO B 182 -16.27 1.20 -17.91
CA PRO B 182 -17.49 0.95 -17.13
C PRO B 182 -18.74 1.39 -17.90
N GLU B 183 -19.86 0.75 -17.55
CA GLU B 183 -21.13 1.17 -18.13
C GLU B 183 -21.61 2.48 -17.53
N LYS B 184 -21.42 2.66 -16.23
CA LYS B 184 -21.82 3.88 -15.54
C LYS B 184 -20.70 4.34 -14.61
N VAL B 185 -20.60 5.65 -14.44
CA VAL B 185 -19.67 6.27 -13.50
C VAL B 185 -20.47 7.09 -12.51
N VAL B 186 -20.16 6.93 -11.22
CA VAL B 186 -20.96 7.52 -10.15
C VAL B 186 -20.04 8.27 -9.20
N PHE B 187 -20.32 9.57 -9.02
CA PHE B 187 -19.69 10.38 -7.98
C PHE B 187 -20.61 10.42 -6.76
N VAL B 188 -20.08 10.02 -5.61
CA VAL B 188 -20.83 10.03 -4.36
C VAL B 188 -20.30 11.20 -3.53
N SER B 189 -21.14 12.20 -3.31
CA SER B 189 -20.76 13.36 -2.51
C SER B 189 -21.86 13.69 -1.49
N ASP B 190 -21.74 14.83 -0.82
CA ASP B 190 -22.69 15.23 0.20
C ASP B 190 -23.77 16.18 -0.32
N ILE B 191 -23.95 16.22 -1.63
CA ILE B 191 -24.91 17.12 -2.26
C ILE B 191 -25.83 16.31 -3.17
N ASP B 192 -27.05 16.80 -3.36
CA ASP B 192 -28.00 16.13 -4.24
C ASP B 192 -27.53 16.14 -5.69
N GLY B 193 -26.66 17.06 -6.06
CA GLY B 193 -26.16 17.12 -7.42
C GLY B 193 -25.43 18.42 -7.66
N LEU B 194 -25.25 18.75 -8.94
CA LEU B 194 -24.67 20.03 -9.32
C LEU B 194 -25.75 21.10 -9.30
N TYR B 195 -25.47 22.21 -8.63
CA TYR B 195 -26.38 23.35 -8.55
C TYR B 195 -25.78 24.51 -9.35
N THR B 196 -26.54 25.61 -9.41
CA THR B 196 -26.01 26.82 -10.03
C THR B 196 -24.87 27.40 -9.22
N ALA B 197 -24.87 27.20 -7.90
CA ALA B 197 -23.79 27.62 -7.03
C ALA B 197 -23.72 26.65 -5.86
N ASP B 198 -22.82 26.92 -4.93
CA ASP B 198 -22.70 26.08 -3.74
C ASP B 198 -24.02 26.08 -2.98
N PRO B 199 -24.70 24.95 -2.87
CA PRO B 199 -25.99 24.93 -2.16
C PRO B 199 -25.86 25.20 -0.67
N LYS B 200 -24.66 25.07 -0.10
CA LYS B 200 -24.49 25.35 1.31
C LYS B 200 -24.42 26.84 1.61
N THR B 201 -23.92 27.64 0.65
CA THR B 201 -23.72 29.06 0.86
C THR B 201 -24.78 29.94 0.21
N ASP B 202 -25.47 29.42 -0.82
CA ASP B 202 -26.44 30.20 -1.58
C ASP B 202 -27.78 29.47 -1.49
N LYS B 203 -28.70 30.01 -0.68
CA LYS B 203 -30.05 29.43 -0.61
C LYS B 203 -30.77 29.50 -1.94
N LYS B 204 -30.36 30.39 -2.84
CA LYS B 204 -31.00 30.52 -4.15
C LYS B 204 -30.34 29.59 -5.16
N ALA B 205 -29.86 28.44 -4.70
CA ALA B 205 -29.25 27.46 -5.58
C ALA B 205 -30.31 26.48 -6.06
N ARG B 206 -30.26 26.15 -7.35
CA ARG B 206 -31.22 25.26 -7.98
C ARG B 206 -30.48 24.10 -8.63
N LEU B 207 -31.03 22.90 -8.47
CA LEU B 207 -30.37 21.69 -8.94
C LEU B 207 -30.37 21.62 -10.46
N ILE B 208 -29.22 21.26 -11.02
CA ILE B 208 -29.07 21.03 -12.45
C ILE B 208 -29.23 19.54 -12.72
N GLY B 209 -30.23 19.19 -13.53
CA GLY B 209 -30.56 17.80 -13.77
C GLY B 209 -29.67 17.10 -14.77
N GLU B 210 -29.36 17.78 -15.88
CA GLU B 210 -28.56 17.19 -16.94
C GLU B 210 -27.36 18.09 -17.24
N VAL B 211 -26.25 17.47 -17.64
CA VAL B 211 -25.04 18.17 -18.01
C VAL B 211 -24.59 17.65 -19.37
N THR B 212 -24.58 18.52 -20.38
CA THR B 212 -24.10 18.14 -21.70
C THR B 212 -22.98 19.08 -22.13
N ARG B 213 -22.68 19.11 -23.42
CA ARG B 213 -21.73 20.11 -23.92
C ARG B 213 -22.33 21.51 -23.96
N LYS B 214 -23.54 21.67 -23.42
CA LYS B 214 -24.14 22.97 -23.16
C LYS B 214 -23.40 23.76 -22.09
N LYS B 215 -22.37 23.16 -21.46
CA LYS B 215 -21.50 23.86 -20.52
C LYS B 215 -20.92 25.15 -21.10
N LEU B 216 -21.03 25.36 -22.41
CA LEU B 216 -20.54 26.57 -23.06
C LEU B 216 -21.17 27.83 -22.47
N ASP B 217 -22.28 27.71 -21.75
CA ASP B 217 -22.90 28.90 -21.14
C ASP B 217 -21.99 29.49 -20.07
N GLU B 218 -21.56 28.69 -19.10
CA GLU B 218 -20.57 29.15 -18.14
C GLU B 218 -19.25 29.41 -18.84
N HIS B 233 -19.89 25.52 -11.24
CA HIS B 233 -18.51 25.14 -10.97
C HIS B 233 -17.89 24.48 -12.19
N SER B 234 -16.70 23.89 -12.00
CA SER B 234 -16.01 23.13 -13.04
C SER B 234 -16.25 21.63 -12.91
N LYS B 235 -17.26 21.22 -12.13
CA LYS B 235 -17.54 19.80 -11.99
C LYS B 235 -18.17 19.23 -13.26
N MET B 236 -18.83 20.08 -14.06
CA MET B 236 -19.32 19.63 -15.36
C MET B 236 -18.16 19.15 -16.22
N GLU B 237 -17.04 19.88 -16.20
CA GLU B 237 -15.85 19.44 -16.92
C GLU B 237 -15.36 18.09 -16.40
N ALA B 238 -15.39 17.89 -15.09
CA ALA B 238 -14.93 16.63 -14.52
C ALA B 238 -15.89 15.48 -14.83
N MET B 239 -17.19 15.76 -14.93
CA MET B 239 -18.16 14.71 -15.22
C MET B 239 -18.18 14.34 -16.69
N LEU B 240 -18.01 15.33 -17.58
CA LEU B 240 -18.17 15.08 -19.01
C LEU B 240 -17.06 14.21 -19.57
N ARG B 241 -15.83 14.38 -19.05
CA ARG B 241 -14.70 13.64 -19.59
C ARG B 241 -14.86 12.13 -19.46
N MET B 242 -15.68 11.68 -18.52
CA MET B 242 -15.90 10.25 -18.30
C MET B 242 -17.17 9.75 -18.99
N THR B 243 -17.78 10.56 -19.85
CA THR B 243 -18.92 10.13 -20.65
C THR B 243 -18.50 9.64 -22.03
N ASP B 244 -17.22 9.29 -22.20
CA ASP B 244 -16.76 8.72 -23.46
C ASP B 244 -17.48 7.42 -23.75
N ARG B 245 -17.69 7.15 -25.03
CA ARG B 245 -18.24 5.88 -25.51
C ARG B 245 -19.66 5.67 -24.98
N ASN B 246 -20.51 6.68 -25.21
CA ASN B 246 -21.91 6.74 -24.81
C ASN B 246 -22.21 6.07 -23.46
N ARG B 247 -21.45 6.43 -22.43
CA ARG B 247 -21.74 6.03 -21.06
C ARG B 247 -22.19 7.23 -20.25
N ARG B 248 -22.96 6.96 -19.20
CA ARG B 248 -23.59 8.00 -18.40
C ARG B 248 -22.84 8.16 -17.09
N CYS B 249 -22.56 9.41 -16.71
CA CYS B 249 -21.89 9.73 -15.46
C CYS B 249 -22.88 10.41 -14.52
N TYR B 250 -22.97 9.91 -13.29
CA TYR B 250 -23.93 10.39 -12.32
C TYR B 250 -23.22 10.98 -11.11
N LEU B 251 -23.90 11.90 -10.44
CA LEU B 251 -23.42 12.51 -9.20
C LEU B 251 -24.56 12.49 -8.20
N VAL B 252 -24.35 11.82 -7.07
CA VAL B 252 -25.43 11.46 -6.16
C VAL B 252 -25.02 11.75 -4.72
N ASN B 253 -26.02 11.96 -3.86
CA ASN B 253 -25.80 12.28 -2.45
C ASN B 253 -25.68 10.98 -1.66
N GLY B 254 -24.49 10.74 -1.10
CA GLY B 254 -24.28 9.57 -0.26
C GLY B 254 -24.86 9.69 1.13
N ASN B 255 -25.15 10.90 1.59
CA ASN B 255 -25.78 11.10 2.89
C ASN B 255 -27.28 10.83 2.86
N ALA B 256 -27.85 10.56 1.68
CA ALA B 256 -29.25 10.17 1.59
C ALA B 256 -29.33 8.65 1.64
N PRO B 257 -29.93 8.07 2.67
CA PRO B 257 -29.92 6.61 2.80
C PRO B 257 -30.59 5.92 1.62
N ASN B 258 -29.90 4.92 1.07
CA ASN B 258 -30.35 4.02 0.00
C ASN B 258 -30.37 4.66 -1.37
N ARG B 259 -30.01 5.93 -1.50
CA ARG B 259 -30.02 6.55 -2.82
C ARG B 259 -29.01 5.89 -3.74
N LEU B 260 -27.79 5.65 -3.24
CA LEU B 260 -26.78 4.98 -4.05
C LEU B 260 -27.21 3.55 -4.38
N TYR B 261 -27.80 2.85 -3.42
CA TYR B 261 -28.29 1.50 -3.65
C TYR B 261 -29.29 1.47 -4.80
N SER B 262 -30.26 2.39 -4.78
CA SER B 262 -31.26 2.43 -5.84
C SER B 262 -30.66 2.84 -7.17
N LEU B 263 -29.68 3.75 -7.13
CA LEU B 263 -29.01 4.17 -8.38
C LEU B 263 -28.31 2.99 -9.03
N LEU B 264 -27.59 2.19 -8.24
CA LEU B 264 -26.86 1.07 -8.81
C LEU B 264 -27.80 0.03 -9.41
N LYS B 265 -29.00 -0.10 -8.87
CA LYS B 265 -29.98 -1.04 -9.41
C LYS B 265 -30.72 -0.49 -10.62
N GLY B 266 -30.45 0.75 -11.01
CA GLY B 266 -31.13 1.35 -12.14
C GLY B 266 -32.45 2.02 -11.81
N GLU B 267 -32.80 2.16 -10.54
CA GLU B 267 -34.01 2.86 -10.16
C GLU B 267 -33.78 4.36 -10.19
N THR B 268 -34.81 5.10 -10.60
CA THR B 268 -34.69 6.55 -10.75
C THR B 268 -34.52 7.21 -9.38
N VAL B 269 -33.47 8.03 -9.25
CA VAL B 269 -33.15 8.72 -8.01
C VAL B 269 -32.81 10.16 -8.33
N THR B 270 -32.79 10.99 -7.29
CA THR B 270 -32.36 12.38 -7.43
C THR B 270 -30.86 12.44 -7.62
N CYS B 271 -30.42 13.09 -8.70
CA CYS B 271 -29.01 13.12 -9.06
C CYS B 271 -28.82 14.05 -10.25
N THR B 272 -27.56 14.36 -10.52
CA THR B 272 -27.16 15.04 -11.75
C THR B 272 -26.49 14.01 -12.66
N VAL B 273 -26.86 14.01 -13.94
CA VAL B 273 -26.32 13.07 -14.91
C VAL B 273 -25.64 13.85 -16.02
N ALA B 274 -24.42 13.44 -16.36
CA ALA B 274 -23.70 13.96 -17.52
C ALA B 274 -23.81 12.97 -18.66
N LYS B 275 -24.13 13.46 -19.85
CA LYS B 275 -24.42 12.60 -20.98
C LYS B 275 -23.88 13.24 -22.26
N GLY B 276 -23.46 12.41 -23.19
CA GLY B 276 -22.97 12.87 -24.47
C GLY B 276 -21.48 13.03 -24.54
PB ADP C . 12.05 -13.10 10.37
O1B ADP C . 11.30 -13.26 9.06
O2B ADP C . 11.20 -12.71 11.53
O3B ADP C . 13.35 -12.32 10.25
PA ADP C . 11.52 -15.82 10.76
O1A ADP C . 11.26 -16.28 9.34
O2A ADP C . 10.35 -15.46 11.64
O3A ADP C . 12.55 -14.59 10.73
O5' ADP C . 12.39 -16.94 11.51
C5' ADP C . 12.79 -16.71 12.86
C4' ADP C . 12.48 -17.95 13.67
O4' ADP C . 12.93 -19.13 13.00
C3' ADP C . 13.17 -17.94 15.03
O3' ADP C . 12.26 -17.50 16.04
C2' ADP C . 13.57 -19.37 15.26
O2' ADP C . 12.80 -19.93 16.33
C1' ADP C . 13.25 -20.12 13.98
N9 ADP C . 14.38 -20.97 13.51
C8 ADP C . 14.21 -22.18 12.94
N7 ADP C . 15.40 -22.73 12.62
C5 ADP C . 16.36 -21.87 12.97
C6 ADP C . 17.84 -21.84 12.91
N6 ADP C . 18.53 -22.88 12.38
N1 ADP C . 18.47 -20.74 13.39
C2 ADP C . 17.79 -19.72 13.92
N3 ADP C . 16.45 -19.68 14.01
C4 ADP C . 15.68 -20.70 13.58
C01 Y77 D . 2.83 -12.36 3.10
C02 Y77 D . 3.21 -13.47 4.15
C03 Y77 D . 2.33 -14.50 4.41
C04 Y77 D . 2.48 -15.65 3.55
C08 Y77 D . 4.45 -13.42 4.81
C09 Y77 D . 5.44 -12.28 4.52
N05 Y77 D . 3.23 -16.62 4.17
N06 Y77 D . 4.42 -17.27 3.45
N07 Y77 D . 5.77 -17.99 2.65
O10 Y77 D . 6.66 -12.75 4.51
O12 Y77 D . 6.88 -11.93 6.94
O13 Y77 D . 8.94 -11.94 5.74
O14 Y77 D . 7.85 -14.06 6.51
P11 Y77 D . 7.59 -12.66 6.00
PB ADP E . -15.54 15.53 -3.28
O1B ADP E . -15.23 14.59 -4.43
O2B ADP E . -14.34 15.91 -2.45
O3B ADP E . -16.76 15.15 -2.47
PA ADP E . -15.77 18.31 -3.29
O1A ADP E . -15.99 18.10 -1.80
O2A ADP E . -14.48 18.94 -3.76
O3A ADP E . -15.96 16.90 -4.01
O5' ADP E . -17.02 19.18 -3.83
C5' ADP E . -18.28 19.02 -3.19
C4' ADP E . -18.70 20.32 -2.53
O4' ADP E . -18.62 21.42 -3.45
C3' ADP E . -20.13 20.27 -2.03
O3' ADP E . -20.16 20.05 -0.62
C2' ADP E . -20.73 21.62 -2.38
O2' ADP E . -21.10 22.31 -1.19
C1' ADP E . -19.63 22.38 -3.11
N9 ADP E . -20.10 23.09 -4.33
C8 ADP E . -19.53 24.22 -4.79
N7 ADP E . -20.13 24.66 -5.91
C5 ADP E . -21.13 23.81 -6.19
C6 ADP E . -22.16 23.70 -7.25
N6 ADP E . -22.23 24.62 -8.24
N1 ADP E . -23.02 22.66 -7.20
C2 ADP E . -22.95 21.75 -6.22
N3 ADP E . -22.03 21.78 -5.22
C4 ADP E . -21.11 22.77 -5.15
C01 Y77 F . -4.66 13.79 -2.07
C02 Y77 F . -5.03 15.23 -2.52
C03 Y77 F . -4.25 16.26 -2.07
C04 Y77 F . -4.04 16.22 -0.65
C08 Y77 F . -6.16 15.47 -3.35
C09 Y77 F . -7.03 14.30 -3.82
N05 Y77 F . -2.69 16.12 -0.44
N06 Y77 F . -1.78 16.89 -1.40
N07 Y77 F . -0.82 17.78 -2.51
O10 Y77 F . -8.08 14.79 -4.43
O12 Y77 F . -10.48 15.43 -3.76
O13 Y77 F . -9.50 13.72 -2.41
O14 Y77 F . -10.26 13.29 -4.76
P11 Y77 F . -9.65 14.32 -3.82
#